data_5EOD
#
_entry.id   5EOD
#
_cell.length_a   81.065
_cell.length_b   81.065
_cell.length_c   253.084
_cell.angle_alpha   90.00
_cell.angle_beta   90.00
_cell.angle_gamma   90.00
#
_symmetry.space_group_name_H-M   'P 43 21 2'
#
loop_
_entity.id
_entity.type
_entity.pdbx_description
1 polymer 'Coagulation factor XI'
2 polymer LP2
3 non-polymer 2-acetamido-2-deoxy-beta-D-glucopyranose
#
loop_
_entity_poly.entity_id
_entity_poly.type
_entity_poly.pdbx_seq_one_letter_code
_entity_poly.pdbx_strand_id
1 'polypeptide(L)'
;CVTQLLKDTCFEGGDITTVFTPSAKYCQVVCTYHPRCLLFTFTAESPSEDPTRWFTCVLKDSVTETLPRVNRTAAISGYS
FKQCSHQISACNKDIYVDLDMKGINYNSSVAKSAQECQERCTDDVHCHFFTYATRQFPSLEHRNICLLKHTQTGTPTRIT
KLDKVVSGFSLKSCALSNLACIRDIFPNTVFADSNIDSVMAPDAFVCGRICTHHPGCLFFTFFSQEWPKESQRNLCLLKT
SESGLPSTRIKKSKALSGFSLQSCRHSIPVFCHSSFYHDTDFLGEELDIVAAKSHEACQKLCTNAVRCQFFTYTPAQASC
NEGKGKCYLKLSSNGSPTKILHGRGGISGYTLRLCKMDNECTTKIKPRIVGGTASVRGEWPWQVTLHTTSPTQRHLCGGS
IIGNQWILTAAHCFYGVESPKILRVYSGILNQSEIKEDTSFFGVQEIIIHDQYKMAESGYDIALLKLETTVNYTDSQRPI
CLPSKGDRNVIYTDCWVTGWGYRKLRDKIQNTLQKAKIPLVTNEECQKRYRGHKITHKMICAGYREGGKDACKGDSGGPL
SCKHNEVWHLVGITSWGEGCAQRERPGVYTNVVEYVDWILEKTQAV
;
A
2 'polypeptide(L)' EFPDFP B
#
# COMPACT_ATOMS: atom_id res chain seq x y z
N CYS A 1 -1.86 -13.49 19.09
CA CYS A 1 -2.06 -12.02 19.27
C CYS A 1 -3.54 -11.72 19.54
N VAL A 2 -3.79 -10.61 20.25
CA VAL A 2 -5.11 -10.29 20.81
C VAL A 2 -5.76 -9.11 20.05
N THR A 3 -6.48 -9.44 18.97
CA THR A 3 -7.04 -8.44 18.05
C THR A 3 -8.26 -7.74 18.62
N GLN A 4 -9.14 -8.50 19.27
CA GLN A 4 -10.30 -7.96 19.99
C GLN A 4 -9.92 -6.94 21.08
N LEU A 5 -10.91 -6.16 21.48
CA LEU A 5 -10.75 -5.10 22.47
C LEU A 5 -11.33 -5.54 23.84
N LEU A 6 -11.48 -4.60 24.79
CA LEU A 6 -11.77 -4.93 26.20
C LEU A 6 -12.82 -3.99 26.90
N LYS A 7 -14.06 -4.49 27.04
CA LYS A 7 -15.25 -3.72 27.44
C LYS A 7 -14.47 -2.82 28.63
N ASP A 8 -14.55 -2.57 29.19
CA ASP A 8 -14.47 -1.49 30.17
C ASP A 8 -13.14 -1.59 30.92
N THR A 9 -12.07 -1.63 30.15
CA THR A 9 -10.76 -1.92 30.70
C THR A 9 -9.77 -0.84 30.35
N CYS A 10 -8.94 -0.55 31.34
CA CYS A 10 -7.89 0.44 31.26
C CYS A 10 -6.56 -0.23 31.54
N PHE A 11 -5.51 0.16 30.82
CA PHE A 11 -4.13 -0.26 31.15
C PHE A 11 -3.42 0.79 31.99
N GLU A 12 -2.79 0.37 33.09
CA GLU A 12 -2.18 1.35 33.98
C GLU A 12 -0.74 1.68 33.61
N GLY A 13 -0.49 2.93 33.23
CA GLY A 13 0.85 3.41 32.86
C GLY A 13 1.26 3.06 31.44
N GLY A 14 2.53 3.28 31.11
CA GLY A 14 3.05 3.01 29.77
C GLY A 14 3.06 4.28 28.98
N ASP A 15 2.16 5.19 29.35
CA ASP A 15 1.96 6.44 28.67
C ASP A 15 3.17 6.93 27.90
N ILE A 16 3.13 6.69 26.59
CA ILE A 16 4.11 7.15 25.65
C ILE A 16 3.60 8.46 25.15
N THR A 17 2.49 8.48 24.42
CA THR A 17 1.81 9.74 24.09
C THR A 17 0.28 9.71 24.17
N THR A 18 -0.35 10.87 23.95
CA THR A 18 -1.79 10.96 24.00
C THR A 18 -2.26 11.66 22.77
N VAL A 19 -3.23 11.06 22.08
CA VAL A 19 -3.81 11.58 20.85
C VAL A 19 -5.31 11.50 20.92
N PHE A 20 -5.97 12.12 19.95
CA PHE A 20 -7.42 12.02 19.85
C PHE A 20 -7.87 11.19 18.67
N THR A 21 -8.52 10.07 18.94
CA THR A 21 -9.12 9.25 17.86
C THR A 21 -10.64 9.26 17.95
N PRO A 22 -11.33 9.15 16.79
CA PRO A 22 -12.78 9.02 16.77
C PRO A 22 -13.33 7.72 17.35
N SER A 23 -12.52 6.67 17.45
CA SER A 23 -12.97 5.41 18.02
C SER A 23 -11.78 4.61 18.44
N ALA A 24 -12.05 3.68 19.37
CA ALA A 24 -11.11 2.66 19.80
C ALA A 24 -10.50 1.85 18.64
N LYS A 25 -11.33 1.48 17.65
CA LYS A 25 -10.86 0.57 16.62
C LYS A 25 -9.77 1.23 15.79
N TYR A 26 -9.91 2.55 15.62
CA TYR A 26 -8.96 3.35 14.88
C TYR A 26 -7.76 3.71 15.77
N CYS A 27 -8.01 3.92 17.06
CA CYS A 27 -6.97 4.08 18.06
C CYS A 27 -6.03 2.89 17.94
N GLN A 28 -6.60 1.68 17.86
CA GLN A 28 -5.81 0.46 17.58
C GLN A 28 -4.91 0.55 16.33
N VAL A 29 -5.41 1.20 15.28
CA VAL A 29 -4.61 1.41 14.08
C VAL A 29 -3.43 2.37 14.35
N VAL A 30 -3.71 3.51 14.97
CA VAL A 30 -2.68 4.44 15.41
C VAL A 30 -1.59 3.68 16.22
N CYS A 31 -2.01 2.93 17.23
CA CYS A 31 -1.11 2.10 18.05
C CYS A 31 -0.25 1.19 17.19
N THR A 32 -0.87 0.49 16.26
CA THR A 32 -0.15 -0.40 15.40
C THR A 32 0.90 0.31 14.57
N TYR A 33 0.56 1.48 14.06
CA TYR A 33 1.43 2.20 13.13
C TYR A 33 2.47 3.08 13.82
N HIS A 34 2.37 3.21 15.13
CA HIS A 34 3.30 4.01 15.89
C HIS A 34 4.56 3.16 16.18
N PRO A 35 5.76 3.76 16.19
CA PRO A 35 6.91 2.86 16.15
C PRO A 35 7.22 2.17 17.48
N ARG A 36 6.61 2.63 18.55
CA ARG A 36 6.89 2.10 19.86
C ARG A 36 5.65 1.53 20.57
N CYS A 37 4.44 1.88 20.13
CA CYS A 37 3.19 1.45 20.79
C CYS A 37 2.98 -0.08 20.78
N LEU A 38 2.60 -0.65 21.91
CA LEU A 38 2.21 -2.07 21.94
C LEU A 38 0.76 -2.30 22.28
N LEU A 39 0.15 -1.29 22.90
CA LEU A 39 -1.11 -1.41 23.57
C LEU A 39 -1.63 -0.04 23.91
N PHE A 40 -2.95 0.06 24.02
CA PHE A 40 -3.61 1.34 24.19
C PHE A 40 -4.89 1.29 25.06
N THR A 41 -5.33 2.49 25.45
CA THR A 41 -6.53 2.70 26.22
C THR A 41 -7.26 3.92 25.66
N PHE A 42 -8.43 3.65 25.08
CA PHE A 42 -9.30 4.65 24.48
C PHE A 42 -10.43 5.01 25.44
N THR A 43 -10.82 6.28 25.43
CA THR A 43 -11.94 6.78 26.23
C THR A 43 -13.13 7.13 25.35
N ALA A 44 -14.23 6.45 25.59
CA ALA A 44 -15.47 6.66 24.87
C ALA A 44 -16.34 7.80 25.45
N GLU A 45 -17.34 8.23 24.69
CA GLU A 45 -18.32 9.22 25.13
C GLU A 45 -19.15 8.61 26.24
N SER A 46 -19.18 9.27 27.40
CA SER A 46 -19.96 8.76 28.54
C SER A 46 -20.24 9.77 29.63
N PRO A 47 -21.45 9.65 30.25
CA PRO A 47 -21.80 10.12 31.59
C PRO A 47 -20.59 10.18 32.53
N SER A 48 -19.91 9.03 32.67
CA SER A 48 -18.75 8.85 33.56
C SER A 48 -17.55 9.79 33.41
N GLU A 49 -17.40 10.43 32.25
CA GLU A 49 -16.18 11.18 31.93
C GLU A 49 -16.47 12.64 31.58
N ASP A 50 -15.56 13.54 31.95
CA ASP A 50 -15.61 14.96 31.52
C ASP A 50 -15.52 14.96 30.01
N PRO A 51 -16.29 15.83 29.34
CA PRO A 51 -16.22 15.93 27.88
C PRO A 51 -14.79 16.14 27.28
N THR A 52 -13.87 16.68 28.08
CA THR A 52 -12.48 16.92 27.63
C THR A 52 -11.70 15.62 27.52
N ARG A 53 -11.99 14.68 28.40
CA ARG A 53 -11.23 13.45 28.45
C ARG A 53 -11.74 12.37 27.47
N TRP A 54 -12.78 12.70 26.70
CA TRP A 54 -13.33 11.80 25.69
C TRP A 54 -12.40 11.68 24.51
N PHE A 55 -12.64 10.71 23.63
CA PHE A 55 -11.89 10.53 22.38
C PHE A 55 -10.40 10.51 22.55
N THR A 56 -10.00 10.19 23.76
CA THR A 56 -8.62 10.16 24.15
C THR A 56 -8.16 8.76 23.90
N CYS A 57 -7.05 8.70 23.15
CA CYS A 57 -6.39 7.45 22.82
C CYS A 57 -4.99 7.54 23.41
N VAL A 58 -4.72 6.73 24.43
CA VAL A 58 -3.39 6.73 25.02
C VAL A 58 -2.59 5.51 24.59
N LEU A 59 -1.55 5.79 23.80
CA LEU A 59 -0.58 4.79 23.35
C LEU A 59 0.40 4.50 24.46
N LYS A 60 0.78 3.23 24.62
CA LYS A 60 1.62 2.81 25.74
C LYS A 60 2.67 1.80 25.32
N ASP A 61 3.72 1.69 26.13
CA ASP A 61 4.78 0.71 25.94
C ASP A 61 4.98 0.03 27.27
N SER A 62 5.24 -1.27 27.22
CA SER A 62 5.64 -2.07 28.37
C SER A 62 6.77 -2.98 27.95
N VAL A 63 7.61 -3.32 28.90
CA VAL A 63 8.79 -4.12 28.64
C VAL A 63 8.39 -5.59 28.66
N THR A 64 7.36 -5.88 29.45
CA THR A 64 6.84 -7.23 29.64
C THR A 64 5.89 -7.53 28.51
N GLU A 65 5.46 -6.48 27.82
CA GLU A 65 4.53 -6.53 26.67
C GLU A 65 3.05 -6.52 27.06
N THR A 66 2.78 -6.53 28.35
CA THR A 66 1.48 -6.17 28.83
C THR A 66 1.55 -5.13 29.96
N LEU A 67 0.38 -4.58 30.29
CA LEU A 67 0.24 -3.81 31.50
C LEU A 67 -0.88 -4.38 32.37
N PRO A 68 -0.89 -4.02 33.69
CA PRO A 68 -2.02 -4.19 34.61
C PRO A 68 -3.34 -3.57 34.14
N ARG A 69 -4.36 -4.43 34.06
CA ARG A 69 -5.72 -4.09 33.66
C ARG A 69 -6.49 -3.53 34.86
N VAL A 70 -7.20 -2.41 34.67
CA VAL A 70 -8.12 -1.89 35.72
C VAL A 70 -9.54 -1.65 35.19
N ASN A 71 -10.50 -2.39 35.74
CA ASN A 71 -11.95 -2.20 35.53
C ASN A 71 -12.26 -0.69 35.65
N ARG A 72 -12.64 -0.07 34.54
CA ARG A 72 -13.04 1.34 34.56
C ARG A 72 -14.01 1.58 33.43
N THR A 73 -15.11 2.23 33.75
CA THR A 73 -16.22 2.32 32.83
C THR A 73 -15.90 3.36 31.75
N ALA A 74 -16.39 3.07 30.54
CA ALA A 74 -16.24 3.90 29.30
C ALA A 74 -14.92 3.70 28.58
N ALA A 75 -14.01 2.95 29.20
CA ALA A 75 -12.68 2.70 28.68
C ALA A 75 -12.66 1.47 27.75
N ILE A 76 -12.07 1.62 26.56
CA ILE A 76 -11.83 0.48 25.68
C ILE A 76 -10.32 0.33 25.44
N SER A 77 -9.81 -0.90 25.56
CA SER A 77 -8.39 -1.23 25.35
C SER A 77 -8.32 -2.56 24.60
N GLY A 78 -7.24 -2.98 23.93
CA GLY A 78 -6.04 -2.21 23.73
C GLY A 78 -4.73 -2.87 23.30
N TYR A 79 -4.71 -3.86 22.39
CA TYR A 79 -3.41 -4.33 21.81
C TYR A 79 -3.17 -3.96 20.33
N SER A 80 -1.91 -3.67 19.98
CA SER A 80 -1.51 -3.26 18.62
C SER A 80 -1.42 -4.47 17.76
N PHE A 81 -1.39 -4.31 16.45
CA PHE A 81 -1.35 -5.46 15.54
C PHE A 81 0.06 -5.92 15.19
N LYS A 82 1.07 -5.37 15.85
CA LYS A 82 2.46 -5.71 15.52
C LYS A 82 2.69 -7.21 15.71
N GLN A 83 2.01 -7.76 16.71
CA GLN A 83 2.09 -9.17 17.09
C GLN A 83 1.33 -10.14 16.12
N CYS A 84 0.70 -9.60 15.08
CA CYS A 84 -0.18 -10.37 14.21
C CYS A 84 0.37 -10.69 12.81
N SER A 85 -0.07 -11.84 12.32
CA SER A 85 0.36 -12.43 11.06
C SER A 85 -0.56 -11.99 9.95
N HIS A 86 -1.78 -11.60 10.33
CA HIS A 86 -2.77 -10.96 9.47
C HIS A 86 -2.17 -9.74 8.81
N GLN A 87 -2.61 -9.45 7.60
CA GLN A 87 -2.29 -8.16 6.97
C GLN A 87 -3.05 -7.00 7.67
N ILE A 88 -2.55 -5.77 7.51
CA ILE A 88 -3.13 -4.58 8.19
C ILE A 88 -3.09 -3.36 7.27
N SER A 89 -4.20 -2.60 7.24
CA SER A 89 -4.24 -1.30 6.52
C SER A 89 -4.67 -0.14 7.42
N ALA A 90 -4.28 1.06 7.03
CA ALA A 90 -4.67 2.30 7.74
C ALA A 90 -5.93 2.96 7.13
N CYS A 91 -6.55 2.26 6.18
CA CYS A 91 -7.71 2.69 5.46
C CYS A 91 -8.93 2.69 6.36
N ASN A 92 -9.56 3.85 6.54
CA ASN A 92 -10.71 4.01 7.43
C ASN A 92 -11.83 4.74 6.71
N LYS A 93 -12.73 3.95 6.15
CA LYS A 93 -13.83 4.46 5.37
C LYS A 93 -15.01 5.07 6.20
N ASP A 94 -14.97 4.87 7.53
CA ASP A 94 -15.96 5.44 8.47
C ASP A 94 -16.25 6.94 8.29
N ILE A 95 -17.52 7.29 8.18
CA ILE A 95 -18.01 8.68 8.30
C ILE A 95 -18.61 8.84 9.69
N TYR A 96 -18.26 9.92 10.37
CA TYR A 96 -18.53 10.10 11.78
C TYR A 96 -19.52 11.22 11.99
N VAL A 97 -20.72 10.79 12.36
CA VAL A 97 -21.90 11.65 12.42
C VAL A 97 -21.97 12.32 13.78
N ASP A 98 -22.44 13.58 13.77
CA ASP A 98 -22.50 14.50 14.93
C ASP A 98 -21.15 14.67 15.59
N LEU A 99 -20.10 14.63 14.78
CA LEU A 99 -18.76 14.61 15.28
C LEU A 99 -17.92 15.64 14.53
N ASP A 100 -17.31 16.56 15.27
CA ASP A 100 -16.40 17.57 14.69
C ASP A 100 -14.96 17.30 15.11
N MET A 101 -14.13 17.01 14.12
CA MET A 101 -12.71 16.71 14.37
C MET A 101 -11.84 17.93 14.02
N LYS A 102 -11.08 18.40 15.02
CA LYS A 102 -10.38 19.70 14.93
C LYS A 102 -8.94 19.66 14.43
N GLY A 103 -8.60 20.67 13.61
CA GLY A 103 -7.23 20.92 13.12
C GLY A 103 -7.15 22.21 12.31
N ILE A 104 -5.99 22.47 11.70
CA ILE A 104 -5.76 23.67 10.89
C ILE A 104 -6.72 23.73 9.68
N ASN A 105 -7.68 24.65 9.71
CA ASN A 105 -8.68 24.68 8.64
C ASN A 105 -8.17 25.49 7.47
N TYR A 106 -8.07 24.89 6.28
CA TYR A 106 -7.32 25.52 5.20
C TYR A 106 -8.02 25.73 3.82
N ASN A 107 -9.00 24.92 3.44
CA ASN A 107 -9.90 25.28 2.31
C ASN A 107 -11.25 25.29 2.98
N SER A 108 -12.14 26.16 2.55
CA SER A 108 -13.50 26.17 3.06
C SER A 108 -14.51 26.37 1.93
N SER A 109 -14.44 25.45 0.97
CA SER A 109 -15.38 25.33 -0.14
C SER A 109 -16.76 24.79 0.31
N VAL A 110 -17.66 24.62 -0.66
CA VAL A 110 -19.06 24.21 -0.47
C VAL A 110 -19.35 22.93 -1.29
N ALA A 111 -20.09 21.97 -0.72
CA ALA A 111 -20.18 20.63 -1.34
C ALA A 111 -21.56 19.95 -1.36
N LYS A 112 -21.82 19.19 -2.44
CA LYS A 112 -23.01 18.34 -2.66
C LYS A 112 -23.40 17.42 -1.52
N SER A 113 -22.42 16.77 -0.89
CA SER A 113 -22.64 15.64 0.01
C SER A 113 -21.41 15.38 0.86
N ALA A 114 -21.59 14.61 1.93
CA ALA A 114 -20.47 14.04 2.63
C ALA A 114 -19.49 13.34 1.67
N GLN A 115 -20.03 12.56 0.74
CA GLN A 115 -19.21 11.81 -0.22
C GLN A 115 -18.29 12.68 -1.04
N GLU A 116 -18.82 13.70 -1.70
CA GLU A 116 -18.00 14.62 -2.52
C GLU A 116 -16.98 15.45 -1.70
N CYS A 117 -17.27 15.64 -0.43
CA CYS A 117 -16.37 16.27 0.51
C CYS A 117 -15.17 15.32 0.75
N GLN A 118 -15.46 14.05 1.05
CA GLN A 118 -14.45 13.02 1.27
C GLN A 118 -13.54 12.87 0.05
N GLU A 119 -14.17 12.86 -1.12
CA GLU A 119 -13.47 12.79 -2.39
C GLU A 119 -12.50 13.95 -2.57
N ARG A 120 -12.93 15.16 -2.19
CA ARG A 120 -12.07 16.35 -2.26
C ARG A 120 -10.86 16.19 -1.33
N CYS A 121 -11.12 15.79 -0.09
CA CYS A 121 -10.10 15.52 0.91
C CYS A 121 -9.06 14.51 0.42
N THR A 122 -9.56 13.45 -0.22
CA THR A 122 -8.69 12.36 -0.67
C THR A 122 -7.84 12.86 -1.82
N ASP A 123 -8.39 13.74 -2.64
CA ASP A 123 -7.70 14.22 -3.82
C ASP A 123 -6.78 15.41 -3.57
N ASP A 124 -6.72 15.88 -2.33
CA ASP A 124 -5.94 17.07 -2.02
C ASP A 124 -4.56 16.78 -1.40
N VAL A 125 -3.57 17.57 -1.81
CA VAL A 125 -2.19 17.34 -1.39
C VAL A 125 -1.96 17.47 0.13
N HIS A 126 -2.79 18.26 0.80
CA HIS A 126 -2.64 18.59 2.24
C HIS A 126 -3.65 17.93 3.18
N CYS A 127 -4.71 17.28 2.68
CA CYS A 127 -5.84 16.91 3.56
C CYS A 127 -5.58 15.63 4.32
N HIS A 128 -5.63 15.77 5.65
CA HIS A 128 -5.69 14.62 6.56
C HIS A 128 -7.12 14.20 6.86
N PHE A 129 -7.96 15.15 7.22
CA PHE A 129 -9.39 14.91 7.51
C PHE A 129 -10.33 16.10 7.23
N PHE A 130 -11.63 15.83 7.18
CA PHE A 130 -12.65 16.85 6.88
C PHE A 130 -13.82 16.87 7.85
N THR A 131 -14.45 18.04 7.95
CA THR A 131 -15.83 18.19 8.49
C THR A 131 -16.75 18.83 7.42
N TYR A 132 -17.98 18.32 7.37
CA TYR A 132 -19.00 18.71 6.42
C TYR A 132 -20.28 19.05 7.17
N ALA A 133 -20.81 20.25 6.89
CA ALA A 133 -22.09 20.68 7.46
C ALA A 133 -23.23 20.30 6.52
N THR A 134 -24.06 19.42 7.03
CA THR A 134 -25.20 18.90 6.29
C THR A 134 -26.21 20.00 5.99
N ARG A 135 -27.01 19.80 4.94
CA ARG A 135 -28.24 20.56 4.69
C ARG A 135 -28.93 20.98 6.00
N GLN A 136 -29.07 20.06 6.94
CA GLN A 136 -29.79 20.27 8.19
C GLN A 136 -29.12 21.14 9.26
N PHE A 137 -27.94 21.66 8.94
CA PHE A 137 -27.17 22.49 9.89
C PHE A 137 -27.81 23.90 10.05
N PRO A 138 -28.04 24.34 11.32
CA PRO A 138 -28.55 25.67 11.70
C PRO A 138 -28.07 26.84 10.81
N SER A 139 -26.92 27.45 11.13
CA SER A 139 -26.42 28.61 10.38
C SER A 139 -26.54 28.36 8.89
N LEU A 140 -27.38 29.16 8.25
CA LEU A 140 -27.57 29.04 6.81
C LEU A 140 -26.29 29.40 6.09
N GLU A 141 -25.48 30.27 6.70
CA GLU A 141 -24.17 30.63 6.17
C GLU A 141 -23.24 29.42 6.03
N HIS A 142 -23.42 28.43 6.91
CA HIS A 142 -22.48 27.30 7.13
C HIS A 142 -22.88 25.92 6.57
N ARG A 143 -24.16 25.58 6.73
CA ARG A 143 -24.80 24.46 6.05
C ARG A 143 -24.22 24.26 4.63
N ASN A 144 -23.77 23.03 4.34
CA ASN A 144 -23.14 22.63 3.05
C ASN A 144 -21.67 22.95 2.83
N ILE A 145 -21.06 23.71 3.76
CA ILE A 145 -19.63 23.99 3.64
C ILE A 145 -18.82 22.77 4.04
N CYS A 146 -17.81 22.48 3.21
CA CYS A 146 -16.84 21.38 3.38
C CYS A 146 -15.43 21.92 3.65
N LEU A 147 -15.08 21.97 4.93
CA LEU A 147 -13.78 22.51 5.29
C LEU A 147 -12.79 21.41 5.65
N LEU A 148 -11.65 21.49 4.98
CA LEU A 148 -10.57 20.52 5.06
C LEU A 148 -9.60 20.94 6.14
N LYS A 149 -8.88 19.96 6.69
CA LYS A 149 -8.02 20.17 7.83
C LYS A 149 -6.76 19.30 7.78
N HIS A 150 -5.71 19.76 8.45
CA HIS A 150 -4.50 18.96 8.68
C HIS A 150 -3.94 19.26 10.08
N THR A 151 -3.18 18.31 10.62
CA THR A 151 -2.41 18.49 11.86
C THR A 151 -0.99 17.94 11.67
N GLN A 152 -0.11 18.12 12.65
CA GLN A 152 1.23 17.52 12.63
C GLN A 152 1.18 16.00 12.54
N THR A 153 0.33 15.36 13.34
CA THR A 153 0.26 13.87 13.41
C THR A 153 -0.61 13.19 12.35
N GLY A 154 -1.50 13.94 11.72
CA GLY A 154 -2.57 13.36 10.91
C GLY A 154 -3.87 13.10 11.68
N THR A 155 -3.79 13.03 13.01
CA THR A 155 -4.96 12.89 13.89
C THR A 155 -5.38 14.28 14.41
N PRO A 156 -6.69 14.45 14.80
CA PRO A 156 -7.19 15.77 15.24
C PRO A 156 -6.61 16.24 16.55
N THR A 157 -6.45 17.56 16.65
CA THR A 157 -5.96 18.20 17.86
C THR A 157 -7.02 18.14 18.93
N ARG A 158 -8.29 18.04 18.52
CA ARG A 158 -9.40 17.70 19.43
C ARG A 158 -10.62 17.11 18.69
N ILE A 159 -11.47 16.42 19.45
CA ILE A 159 -12.75 15.95 18.93
C ILE A 159 -13.93 16.36 19.84
N THR A 160 -14.90 17.06 19.25
CA THR A 160 -16.11 17.51 19.97
C THR A 160 -17.40 17.05 19.29
N LYS A 161 -18.45 16.81 20.08
CA LYS A 161 -19.75 16.50 19.48
C LYS A 161 -20.49 17.79 19.03
N LEU A 162 -21.02 17.78 17.80
CA LEU A 162 -21.73 18.91 17.20
C LEU A 162 -22.77 18.42 16.19
N ASP A 163 -24.04 18.57 16.58
CA ASP A 163 -25.18 18.04 15.82
C ASP A 163 -25.27 18.56 14.41
N LYS A 164 -25.73 17.69 13.51
CA LYS A 164 -25.86 17.97 12.07
C LYS A 164 -24.53 18.24 11.33
N VAL A 165 -23.45 17.61 11.81
CA VAL A 165 -22.15 17.66 11.14
C VAL A 165 -21.57 16.25 10.96
N VAL A 166 -20.81 16.05 9.88
CA VAL A 166 -20.13 14.74 9.60
C VAL A 166 -18.64 14.87 9.30
N SER A 167 -17.85 14.03 9.98
CA SER A 167 -16.38 14.05 9.85
C SER A 167 -15.84 12.75 9.27
N GLY A 168 -14.62 12.78 8.73
CA GLY A 168 -13.97 11.57 8.18
C GLY A 168 -12.54 11.78 7.69
N PHE A 169 -11.81 10.68 7.45
CA PHE A 169 -10.41 10.82 7.07
C PHE A 169 -10.20 10.73 5.59
N SER A 170 -9.09 11.27 5.12
CA SER A 170 -8.59 11.09 3.76
C SER A 170 -8.57 9.59 3.43
N LEU A 171 -8.86 9.25 2.19
CA LEU A 171 -8.85 7.85 1.79
C LEU A 171 -7.73 7.53 0.81
N LYS A 172 -6.61 8.25 0.93
CA LYS A 172 -5.42 8.02 0.15
C LYS A 172 -4.89 6.62 0.44
N SER A 173 -5.08 6.16 1.68
CA SER A 173 -4.57 4.87 2.07
C SER A 173 -5.61 3.78 1.82
N CYS A 174 -6.55 4.08 0.94
CA CYS A 174 -7.46 3.08 0.37
C CYS A 174 -7.24 2.93 -1.13
N ALA A 175 -6.13 3.52 -1.58
CA ALA A 175 -5.75 3.58 -2.97
C ALA A 175 -6.79 4.28 -3.80
N LEU A 176 -7.50 5.23 -3.21
CA LEU A 176 -8.59 5.91 -3.92
C LEU A 176 -8.28 7.28 -4.50
N SER A 177 -7.14 7.88 -4.14
CA SER A 177 -6.84 9.24 -4.57
C SER A 177 -6.49 9.28 -6.03
N ASN A 178 -6.73 10.41 -6.71
CA ASN A 178 -6.25 10.60 -8.10
C ASN A 178 -5.14 11.61 -8.14
N LEU A 179 -4.60 11.91 -6.98
CA LEU A 179 -3.47 12.80 -6.82
C LEU A 179 -2.27 12.12 -7.50
N ALA A 180 -1.56 12.85 -8.37
CA ALA A 180 -0.42 12.22 -9.07
C ALA A 180 0.80 12.16 -8.16
N CYS A 181 1.34 10.96 -7.96
CA CYS A 181 2.64 10.74 -7.31
C CYS A 181 3.75 11.22 -8.20
N ILE A 182 4.73 11.92 -7.63
CA ILE A 182 5.98 12.30 -8.34
C ILE A 182 7.13 11.39 -7.90
N ARG A 183 7.60 10.53 -8.80
CA ARG A 183 8.61 9.52 -8.40
C ARG A 183 10.03 9.97 -8.60
N ASP A 184 10.21 11.14 -9.24
CA ASP A 184 11.53 11.65 -9.60
C ASP A 184 12.35 12.03 -8.37
N ILE A 185 13.57 11.47 -8.31
CA ILE A 185 14.52 11.81 -7.27
C ILE A 185 15.64 12.75 -7.78
N PHE A 186 15.52 14.03 -7.42
CA PHE A 186 16.45 15.09 -7.80
C PHE A 186 17.79 14.99 -7.03
N PRO A 187 18.89 14.62 -7.72
CA PRO A 187 20.19 14.55 -7.03
C PRO A 187 20.93 15.90 -7.04
N ASN A 188 21.94 16.02 -6.18
CA ASN A 188 22.71 17.29 -5.97
C ASN A 188 21.91 18.58 -5.70
N THR A 189 20.63 18.41 -5.43
CA THR A 189 19.73 19.50 -5.16
C THR A 189 19.28 19.36 -3.73
N VAL A 190 18.98 20.49 -3.09
CA VAL A 190 18.32 20.50 -1.78
C VAL A 190 16.98 21.26 -1.93
N PHE A 191 16.09 21.13 -0.95
CA PHE A 191 14.89 21.97 -0.91
C PHE A 191 14.89 22.86 0.29
N ALA A 192 14.28 24.03 0.14
CA ALA A 192 14.27 24.99 1.21
C ALA A 192 12.86 25.48 1.43
N ASP A 193 12.13 24.77 2.27
CA ASP A 193 10.83 25.23 2.73
C ASP A 193 10.75 24.91 4.23
N SER A 194 9.57 24.64 4.77
CA SER A 194 9.42 24.30 6.20
C SER A 194 10.08 23.00 6.59
N ASN A 195 10.58 22.91 7.80
CA ASN A 195 11.20 21.67 8.25
C ASN A 195 10.45 21.07 9.42
N ILE A 196 9.56 20.14 9.09
CA ILE A 196 8.57 19.65 10.06
C ILE A 196 9.05 18.48 10.87
N ASP A 197 10.18 17.91 10.48
CA ASP A 197 10.73 16.74 11.17
C ASP A 197 12.00 16.26 10.51
N SER A 198 12.73 15.40 11.21
CA SER A 198 13.95 14.81 10.66
C SER A 198 14.27 13.48 11.27
N VAL A 199 14.70 12.54 10.43
CA VAL A 199 15.30 11.29 10.97
C VAL A 199 16.68 11.02 10.38
N MET A 200 17.34 10.01 10.95
CA MET A 200 18.58 9.48 10.41
C MET A 200 18.27 8.28 9.47
N ALA A 201 18.59 8.43 8.18
CA ALA A 201 18.31 7.37 7.18
C ALA A 201 19.61 6.90 6.56
N PRO A 202 19.71 5.61 6.25
CA PRO A 202 20.94 5.11 5.64
C PRO A 202 21.07 5.44 4.15
N ASP A 203 19.95 5.55 3.43
CA ASP A 203 19.96 6.01 2.02
C ASP A 203 18.70 6.83 1.71
N ALA A 204 18.68 7.45 0.53
CA ALA A 204 17.51 8.21 0.12
C ALA A 204 16.23 7.37 -0.18
N PHE A 205 16.37 6.06 -0.42
CA PHE A 205 15.17 5.23 -0.56
C PHE A 205 14.47 5.28 0.77
N VAL A 206 15.18 4.87 1.82
CA VAL A 206 14.63 4.87 3.19
C VAL A 206 14.07 6.24 3.53
N CYS A 207 14.85 7.27 3.21
CA CYS A 207 14.46 8.62 3.50
C CYS A 207 13.07 8.85 2.95
N GLY A 208 12.89 8.65 1.63
CA GLY A 208 11.62 8.90 0.95
C GLY A 208 10.47 7.97 1.31
N ARG A 209 10.80 6.78 1.78
CA ARG A 209 9.79 5.89 2.35
C ARG A 209 9.25 6.45 3.67
N ILE A 210 10.14 7.03 4.50
CA ILE A 210 9.72 7.68 5.75
C ILE A 210 8.90 8.94 5.48
N CYS A 211 9.28 9.73 4.46
CA CYS A 211 8.43 10.84 4.02
C CYS A 211 7.03 10.39 3.64
N THR A 212 6.94 9.19 3.11
CA THR A 212 5.67 8.69 2.66
C THR A 212 4.69 8.39 3.79
N HIS A 213 5.11 7.69 4.84
CA HIS A 213 4.14 7.43 5.90
C HIS A 213 4.05 8.55 6.92
N HIS A 214 4.95 9.53 6.88
CA HIS A 214 4.85 10.68 7.77
C HIS A 214 3.78 11.59 7.21
N PRO A 215 2.73 11.87 8.01
CA PRO A 215 1.58 12.58 7.44
C PRO A 215 1.83 14.02 7.04
N GLY A 216 2.64 14.77 7.80
CA GLY A 216 2.99 16.15 7.42
C GLY A 216 4.10 16.37 6.37
N CYS A 217 4.64 15.28 5.81
CA CYS A 217 5.76 15.35 4.89
C CYS A 217 5.28 15.31 3.47
N LEU A 218 5.61 16.34 2.70
CA LEU A 218 5.27 16.36 1.26
C LEU A 218 6.47 16.19 0.36
N PHE A 219 7.62 16.60 0.85
CA PHE A 219 8.86 16.37 0.16
C PHE A 219 9.99 16.33 1.15
N PHE A 220 11.18 16.05 0.66
CA PHE A 220 12.32 15.79 1.52
C PHE A 220 13.66 16.15 0.92
N THR A 221 14.67 16.22 1.78
CA THR A 221 16.04 16.31 1.34
C THR A 221 16.84 15.36 2.19
N PHE A 222 17.76 14.70 1.52
CA PHE A 222 18.68 13.77 2.14
C PHE A 222 20.10 14.28 1.94
N PHE A 223 20.77 14.50 3.06
CA PHE A 223 22.20 14.74 3.08
C PHE A 223 22.94 13.43 3.29
N SER A 224 23.45 12.90 2.17
CA SER A 224 24.22 11.63 2.07
C SER A 224 25.40 11.62 3.01
N GLN A 225 26.05 10.47 3.18
CA GLN A 225 27.18 10.44 4.09
C GLN A 225 28.35 11.29 3.61
N GLU A 226 28.40 11.49 2.28
CA GLU A 226 29.49 12.20 1.60
C GLU A 226 29.40 13.73 1.67
N TRP A 227 28.46 14.20 2.49
CA TRP A 227 28.25 15.62 2.76
C TRP A 227 29.36 16.15 3.63
N PRO A 228 29.81 17.40 3.36
CA PRO A 228 30.61 18.31 4.18
C PRO A 228 30.37 18.18 5.70
N LYS A 229 29.39 18.91 6.25
CA LYS A 229 29.21 18.97 7.71
C LYS A 229 29.01 17.60 8.36
N GLU A 230 29.86 17.29 9.33
CA GLU A 230 29.77 16.07 10.14
C GLU A 230 28.41 15.87 10.80
N SER A 231 27.86 16.96 11.32
CA SER A 231 26.61 16.97 12.04
C SER A 231 25.40 16.66 11.15
N GLN A 232 25.60 16.45 9.86
CA GLN A 232 24.46 16.33 8.93
C GLN A 232 24.40 15.15 7.95
N ARG A 233 25.33 14.21 8.09
CA ARG A 233 25.28 13.02 7.29
C ARG A 233 24.09 12.13 7.67
N ASN A 234 23.52 11.49 6.65
CA ASN A 234 22.38 10.57 6.80
C ASN A 234 21.16 11.29 7.38
N LEU A 235 21.18 12.60 7.25
CA LEU A 235 20.11 13.39 7.77
C LEU A 235 19.02 13.48 6.74
N CYS A 236 17.83 13.03 7.14
CA CYS A 236 16.65 13.01 6.29
C CYS A 236 15.73 14.10 6.81
N LEU A 237 15.73 15.25 6.17
CA LEU A 237 14.83 16.34 6.55
C LEU A 237 13.47 16.20 5.90
N LEU A 238 12.43 16.22 6.72
CA LEU A 238 11.07 16.07 6.24
C LEU A 238 10.38 17.41 6.13
N LYS A 239 10.00 17.76 4.92
CA LYS A 239 9.52 19.12 4.60
C LYS A 239 8.03 19.24 4.21
N THR A 240 7.56 20.49 4.09
CA THR A 240 6.22 20.84 3.56
C THR A 240 6.17 22.32 3.15
N SER A 241 5.13 22.70 2.43
CA SER A 241 4.90 24.09 2.02
C SER A 241 3.42 24.36 1.84
N GLU A 242 3.02 25.61 2.08
CA GLU A 242 1.63 26.10 1.89
C GLU A 242 1.06 25.74 0.53
N SER A 243 1.84 25.99 -0.52
CA SER A 243 1.52 25.54 -1.87
C SER A 243 1.55 24.02 -2.03
N GLY A 244 2.45 23.34 -1.29
CA GLY A 244 2.67 21.90 -1.44
C GLY A 244 3.87 21.52 -2.31
N LEU A 245 4.39 22.45 -3.10
CA LEU A 245 5.60 22.22 -3.91
C LEU A 245 6.78 22.81 -3.21
N PRO A 246 8.00 22.33 -3.51
CA PRO A 246 9.13 23.11 -3.05
C PRO A 246 9.21 24.37 -3.90
N SER A 247 9.31 25.51 -3.21
CA SER A 247 9.41 26.81 -3.86
C SER A 247 10.59 26.77 -4.84
N THR A 248 11.75 26.43 -4.31
CA THR A 248 12.98 26.48 -5.09
C THR A 248 13.86 25.24 -4.91
N ARG A 249 14.56 24.89 -6.00
CA ARG A 249 15.58 23.85 -5.98
C ARG A 249 17.07 24.32 -6.17
N ILE A 250 17.80 24.42 -5.05
CA ILE A 250 19.24 24.80 -4.98
C ILE A 250 20.18 23.66 -5.47
N LYS A 251 21.34 23.99 -6.06
CA LYS A 251 22.23 23.04 -6.76
C LYS A 251 22.92 22.99 -5.22
N LYS A 252 23.43 21.78 -4.50
CA LYS A 252 23.84 22.81 -3.53
C LYS A 252 24.66 19.78 -3.89
N SER A 253 24.92 19.85 -3.62
CA SER A 253 25.78 18.74 -3.96
C SER A 253 26.00 17.74 -2.81
N LYS A 254 26.03 16.45 -3.16
CA LYS A 254 26.04 15.31 -2.22
C LYS A 254 24.72 15.21 -1.43
N ALA A 255 23.66 15.80 -1.99
CA ALA A 255 22.32 15.68 -1.41
C ALA A 255 21.27 15.33 -2.47
N LEU A 256 20.41 14.36 -2.14
CA LEU A 256 19.28 14.00 -3.01
C LEU A 256 17.98 14.57 -2.42
N SER A 257 17.02 14.89 -3.29
CA SER A 257 15.72 15.42 -2.86
C SER A 257 14.55 14.80 -3.60
N GLY A 258 13.49 14.46 -2.88
CA GLY A 258 12.29 13.89 -3.49
C GLY A 258 10.97 14.29 -2.86
N PHE A 259 9.91 13.52 -3.20
CA PHE A 259 8.53 13.76 -2.74
C PHE A 259 7.99 12.58 -2.01
N SER A 260 6.97 12.84 -1.17
CA SER A 260 6.15 11.82 -0.55
C SER A 260 5.54 10.97 -1.64
N LEU A 261 4.98 9.82 -1.25
CA LEU A 261 4.17 9.03 -2.18
C LEU A 261 2.88 8.47 -1.52
N GLN A 262 2.32 9.20 -0.56
CA GLN A 262 1.15 8.73 0.21
C GLN A 262 0.05 8.25 -0.73
N SER A 263 0.09 8.80 -1.95
CA SER A 263 -0.88 8.55 -3.00
C SER A 263 -0.73 7.19 -3.69
N CYS A 264 0.49 6.77 -3.98
CA CYS A 264 0.73 5.48 -4.62
C CYS A 264 1.11 4.46 -3.59
N ARG A 265 0.54 4.59 -2.40
CA ARG A 265 0.99 3.93 -1.16
C ARG A 265 1.10 2.40 -1.26
N HIS A 266 0.01 1.75 -1.67
CA HIS A 266 0.01 0.32 -1.95
C HIS A 266 0.68 0.25 -3.29
N SER A 267 1.26 -0.87 -3.69
CA SER A 267 2.04 -0.96 -4.98
C SER A 267 3.50 -0.49 -4.89
N ILE A 268 3.82 0.15 -3.78
CA ILE A 268 5.19 0.50 -3.45
C ILE A 268 5.46 -0.02 -2.03
N PRO A 269 6.68 -0.55 -1.76
CA PRO A 269 6.95 -0.88 -0.35
C PRO A 269 7.10 0.40 0.47
N VAL A 270 6.70 0.37 1.74
CA VAL A 270 6.81 1.55 2.60
C VAL A 270 7.43 1.17 3.94
N PHE A 271 6.88 0.16 4.58
CA PHE A 271 7.31 -0.23 5.89
C PHE A 271 8.36 -1.30 5.81
N CYS A 272 8.63 -1.77 4.60
CA CYS A 272 9.45 -2.95 4.49
C CYS A 272 10.80 -2.61 3.87
N HIS A 273 11.83 -2.56 4.73
CA HIS A 273 13.20 -2.33 4.29
C HIS A 273 14.02 -3.61 4.57
N SER A 274 13.98 -4.51 3.59
CA SER A 274 14.57 -5.85 3.66
C SER A 274 16.08 -5.85 3.41
N SER A 275 16.58 -4.73 2.89
CA SER A 275 17.99 -4.53 2.61
C SER A 275 18.91 -4.48 3.88
N PHE A 276 20.19 -4.83 3.70
CA PHE A 276 21.21 -4.87 4.79
C PHE A 276 22.28 -3.85 4.49
N TYR A 277 22.86 -3.29 5.54
CA TYR A 277 23.75 -2.16 5.38
C TYR A 277 25.07 -2.51 6.02
N HIS A 278 26.10 -2.57 5.16
CA HIS A 278 27.36 -3.26 5.47
C HIS A 278 28.42 -2.27 5.85
N ASP A 279 29.22 -2.61 6.87
CA ASP A 279 30.09 -1.65 7.55
C ASP A 279 29.27 -0.39 7.94
N THR A 280 28.17 -0.67 8.64
CA THR A 280 27.20 0.34 9.04
C THR A 280 26.65 -0.02 10.41
N ASP A 281 26.66 0.95 11.32
CA ASP A 281 26.12 0.70 12.66
C ASP A 281 25.03 1.70 12.98
N PHE A 282 23.90 1.12 13.34
CA PHE A 282 22.72 1.88 13.69
C PHE A 282 22.69 2.12 15.20
N LEU A 283 22.76 3.38 15.61
CA LEU A 283 22.74 3.69 17.01
C LEU A 283 21.31 3.75 17.58
N GLY A 284 21.12 3.15 18.76
CA GLY A 284 19.86 3.24 19.51
C GLY A 284 19.92 2.50 20.84
N GLU A 285 18.78 2.38 21.53
CA GLU A 285 18.71 1.76 22.85
C GLU A 285 18.72 0.26 22.70
N GLU A 286 19.65 -0.38 23.40
CA GLU A 286 19.83 -1.82 23.25
C GLU A 286 18.83 -2.59 24.07
N LEU A 287 18.41 -3.70 23.50
CA LEU A 287 17.26 -4.41 23.96
C LEU A 287 17.64 -5.83 24.31
N ASP A 288 18.39 -6.48 23.42
CA ASP A 288 19.16 -7.69 23.78
C ASP A 288 20.43 -7.79 22.96
N ILE A 289 21.32 -8.68 23.37
CA ILE A 289 22.46 -9.08 22.56
C ILE A 289 22.56 -10.57 22.61
N VAL A 290 22.59 -11.16 21.42
CA VAL A 290 22.49 -12.62 21.29
C VAL A 290 23.48 -13.19 20.25
N ALA A 291 23.93 -14.42 20.49
CA ALA A 291 24.72 -15.24 19.55
C ALA A 291 23.96 -15.48 18.25
N ALA A 292 24.66 -15.37 17.12
CA ALA A 292 23.98 -15.48 15.84
C ALA A 292 24.96 -15.84 14.76
N LYS A 293 24.59 -16.82 13.95
CA LYS A 293 25.47 -17.40 12.95
C LYS A 293 25.54 -16.57 11.69
N SER A 294 24.43 -15.93 11.34
CA SER A 294 24.36 -15.03 10.19
C SER A 294 23.66 -13.76 10.58
N HIS A 295 23.93 -12.68 9.84
CA HIS A 295 23.17 -11.44 9.94
C HIS A 295 21.71 -11.56 9.47
N GLU A 296 21.42 -12.64 8.76
CA GLU A 296 20.07 -13.00 8.41
C GLU A 296 19.41 -13.47 9.66
N ALA A 297 20.08 -14.33 10.42
CA ALA A 297 19.50 -14.91 11.64
C ALA A 297 19.30 -13.84 12.68
N CYS A 298 20.02 -12.72 12.47
CA CYS A 298 19.91 -11.51 13.28
C CYS A 298 18.57 -10.85 12.98
N GLN A 299 18.34 -10.52 11.72
CA GLN A 299 17.04 -10.00 11.29
C GLN A 299 15.89 -10.85 11.86
N LYS A 300 15.97 -12.17 11.73
CA LYS A 300 14.85 -13.05 12.08
C LYS A 300 14.58 -12.97 13.56
N LEU A 301 15.65 -12.75 14.34
CA LEU A 301 15.52 -12.50 15.77
C LEU A 301 14.97 -11.12 16.07
N CYS A 302 15.38 -10.08 15.33
CA CYS A 302 14.74 -8.74 15.45
C CYS A 302 13.26 -8.80 15.14
N THR A 303 12.94 -9.32 13.95
CA THR A 303 11.57 -9.49 13.49
C THR A 303 10.71 -10.24 14.48
N ASN A 304 11.31 -11.18 15.19
CA ASN A 304 10.60 -12.06 16.12
C ASN A 304 10.43 -11.51 17.49
N ALA A 305 11.11 -10.38 17.75
CA ALA A 305 11.04 -9.68 19.03
C ALA A 305 10.26 -8.41 18.77
N VAL A 306 9.11 -8.32 19.42
CA VAL A 306 8.15 -7.31 18.97
C VAL A 306 8.66 -5.88 19.18
N ARG A 307 9.45 -5.68 20.23
CA ARG A 307 9.92 -4.33 20.59
C ARG A 307 11.04 -3.82 19.72
N CYS A 308 11.82 -4.76 19.15
CA CYS A 308 12.94 -4.49 18.28
C CYS A 308 12.45 -3.80 17.03
N GLN A 309 13.14 -2.72 16.66
CA GLN A 309 12.82 -1.94 15.48
C GLN A 309 13.94 -2.04 14.46
N PHE A 310 15.14 -2.28 14.94
CA PHE A 310 16.32 -2.41 14.07
C PHE A 310 17.44 -3.09 14.86
N PHE A 311 18.48 -3.49 14.14
CA PHE A 311 19.56 -4.29 14.71
C PHE A 311 20.89 -3.92 14.07
N THR A 312 21.97 -4.27 14.78
CA THR A 312 23.26 -4.46 14.17
C THR A 312 23.82 -5.82 14.53
N TYR A 313 24.46 -6.39 13.52
CA TYR A 313 25.16 -7.68 13.64
C TYR A 313 26.64 -7.45 13.49
N THR A 314 27.38 -8.06 14.41
CA THR A 314 28.83 -8.04 14.41
C THR A 314 29.43 -9.40 14.03
N PRO A 315 29.92 -9.53 12.78
CA PRO A 315 30.56 -10.78 12.34
C PRO A 315 31.87 -11.00 13.08
N ALA A 316 32.20 -12.24 13.40
CA ALA A 316 33.52 -12.56 13.92
C ALA A 316 34.57 -12.48 12.78
N GLN A 317 34.86 -11.25 12.32
CA GLN A 317 35.67 -10.98 11.12
C GLN A 317 36.73 -9.65 11.43
N ASN A 321 36.35 -15.72 13.68
CA ASN A 321 36.86 -16.35 14.90
C ASN A 321 36.21 -17.73 15.15
N GLU A 322 35.28 -17.79 16.11
CA GLU A 322 34.56 -19.02 16.47
C GLU A 322 33.29 -19.18 15.62
N GLY A 323 33.05 -18.21 14.74
CA GLY A 323 31.92 -18.21 13.81
C GLY A 323 30.70 -17.40 14.24
N LYS A 324 30.38 -17.45 15.53
CA LYS A 324 29.19 -16.79 16.11
C LYS A 324 29.34 -15.28 16.34
N GLY A 325 28.47 -14.55 15.66
CA GLY A 325 28.41 -13.12 15.74
C GLY A 325 27.61 -12.73 16.95
N LYS A 326 27.69 -11.43 17.25
CA LYS A 326 26.84 -10.81 18.26
C LYS A 326 25.79 -10.01 17.51
N CYS A 327 24.54 -10.28 17.87
CA CYS A 327 23.39 -9.63 17.31
C CYS A 327 22.85 -8.66 18.36
N TYR A 328 22.94 -7.36 18.05
CA TYR A 328 22.43 -6.31 18.93
C TYR A 328 21.06 -5.86 18.46
N LEU A 329 20.04 -6.29 19.18
CA LEU A 329 18.68 -5.85 18.92
C LEU A 329 18.40 -4.48 19.59
N LYS A 330 17.87 -3.54 18.80
CA LYS A 330 17.76 -2.14 19.21
C LYS A 330 16.39 -1.49 18.98
N LEU A 331 16.15 -0.36 19.63
CA LEU A 331 14.96 0.48 19.35
C LEU A 331 15.26 1.97 19.54
N SER A 332 14.34 2.83 19.10
CA SER A 332 14.44 4.27 19.37
C SER A 332 13.06 4.90 19.57
N SER A 333 13.07 6.24 19.67
CA SER A 333 11.86 6.99 19.88
C SER A 333 10.95 7.03 18.69
N ASN A 334 11.48 7.35 17.51
CA ASN A 334 10.79 7.13 16.25
C ASN A 334 11.25 5.78 15.80
N GLY A 335 11.04 5.40 14.57
CA GLY A 335 11.43 4.02 14.29
C GLY A 335 12.88 3.86 13.89
N SER A 336 13.71 4.84 14.17
CA SER A 336 14.93 5.02 13.41
C SER A 336 16.19 5.24 14.27
N PRO A 337 17.39 4.80 13.80
CA PRO A 337 18.62 5.02 14.59
C PRO A 337 18.79 6.47 14.97
N THR A 338 19.51 6.70 16.06
CA THR A 338 19.73 8.04 16.57
C THR A 338 20.95 8.60 15.89
N LYS A 339 21.82 7.70 15.40
CA LYS A 339 23.04 8.00 14.63
C LYS A 339 23.36 6.83 13.74
N ILE A 340 23.77 7.12 12.51
CA ILE A 340 24.22 6.08 11.58
C ILE A 340 25.74 6.23 11.36
N LEU A 341 26.49 5.22 11.81
CA LEU A 341 27.96 5.24 11.78
C LEU A 341 28.52 4.24 10.81
N HIS A 342 29.44 4.71 9.98
CA HIS A 342 30.14 3.83 9.04
C HIS A 342 31.54 3.57 9.52
N GLY A 343 32.05 2.36 9.27
CA GLY A 343 33.47 2.07 9.45
C GLY A 343 33.78 1.28 10.71
N ARG A 344 32.82 0.51 11.19
CA ARG A 344 32.98 -0.20 12.46
C ARG A 344 32.57 -1.67 12.28
N GLY A 345 32.31 -2.06 11.03
CA GLY A 345 32.20 -3.47 10.65
C GLY A 345 30.89 -4.20 10.91
N GLY A 346 29.84 -3.45 11.21
CA GLY A 346 28.56 -4.09 11.50
C GLY A 346 27.66 -4.24 10.28
N ILE A 347 26.73 -5.18 10.36
CA ILE A 347 25.66 -5.25 9.38
C ILE A 347 24.37 -4.84 10.06
N SER A 348 23.75 -3.82 9.51
CA SER A 348 22.53 -3.26 10.04
C SER A 348 21.39 -3.40 9.07
N GLY A 349 20.19 -3.59 9.63
CA GLY A 349 18.93 -3.35 8.92
C GLY A 349 17.81 -3.14 9.92
N TYR A 350 16.61 -3.55 9.53
CA TYR A 350 15.40 -3.25 10.27
C TYR A 350 14.60 -4.51 10.52
N THR A 351 13.60 -4.40 11.40
CA THR A 351 12.65 -5.46 11.65
C THR A 351 11.78 -5.59 10.42
N LEU A 352 11.40 -6.83 10.12
CA LEU A 352 10.47 -7.09 9.04
C LEU A 352 9.07 -7.24 9.56
N ARG A 353 8.92 -7.28 10.88
CA ARG A 353 7.62 -7.12 11.55
C ARG A 353 6.78 -5.99 10.89
N LEU A 354 7.45 -5.11 10.15
CA LEU A 354 6.83 -3.99 9.47
C LEU A 354 6.25 -4.31 8.09
N CYS A 355 6.68 -5.41 7.45
CA CYS A 355 6.24 -5.70 6.07
C CYS A 355 4.77 -6.07 6.03
N LYS A 356 4.27 -6.66 7.10
CA LYS A 356 2.86 -7.05 7.18
C LYS A 356 1.87 -5.88 6.91
N MET A 357 2.36 -4.66 7.08
CA MET A 357 1.61 -3.41 6.83
C MET A 357 1.63 -3.04 5.35
N ASP A 358 2.69 -3.44 4.66
CA ASP A 358 2.84 -3.28 3.22
C ASP A 358 1.95 -4.22 2.44
N ASN A 359 1.60 -3.81 1.24
CA ASN A 359 0.66 -4.56 0.44
C ASN A 359 1.42 -5.77 -0.13
N GLU A 360 0.82 -6.95 -0.01
CA GLU A 360 1.51 -8.23 -0.25
C GLU A 360 2.06 -8.48 -1.68
N CYS A 361 1.46 -7.80 -2.65
CA CYS A 361 1.92 -7.90 -4.01
C CYS A 361 3.15 -7.03 -4.23
N THR A 362 3.67 -6.42 -3.16
CA THR A 362 4.91 -5.63 -3.24
C THR A 362 6.15 -6.36 -2.81
N THR A 363 6.01 -7.47 -2.06
CA THR A 363 7.11 -8.40 -1.72
C THR A 363 7.99 -8.69 -2.94
N LYS A 364 9.30 -8.77 -2.72
CA LYS A 364 10.28 -8.91 -3.80
C LYS A 364 10.12 -10.25 -4.56
N ILE A 365 10.81 -10.38 -5.67
CA ILE A 365 10.56 -11.50 -6.59
C ILE A 365 11.63 -12.63 -6.58
N LYS A 366 11.81 -13.39 -6.48
CA LYS A 366 13.05 -14.16 -6.53
C LYS A 366 13.79 -14.20 -7.87
N PRO A 367 15.48 -15.00 -6.37
CA PRO A 367 15.82 -14.27 -7.59
C PRO A 367 15.22 -14.91 -8.84
N ARG A 368 15.35 -16.57 -9.33
CA ARG A 368 15.42 -17.82 -10.05
C ARG A 368 15.08 -17.58 -11.49
N ILE A 369 16.03 -17.99 -12.32
CA ILE A 369 15.92 -17.83 -13.76
C ILE A 369 15.35 -16.91 -14.82
N VAL A 370 16.15 -16.71 -15.87
CA VAL A 370 15.87 -15.81 -17.00
C VAL A 370 15.32 -16.36 -18.34
N GLY A 371 15.44 -17.87 -18.19
CA GLY A 371 14.99 -18.69 -19.30
C GLY A 371 15.20 -18.15 -20.72
N GLY A 372 14.87 -16.89 -20.93
CA GLY A 372 14.94 -16.27 -22.25
C GLY A 372 13.69 -16.42 -23.12
N THR A 373 12.98 -17.56 -22.98
CA THR A 373 11.81 -17.85 -23.83
C THR A 373 10.62 -18.58 -23.15
N ALA A 374 10.93 -19.46 -22.19
CA ALA A 374 9.93 -20.25 -21.46
C ALA A 374 10.03 -20.07 -19.93
N SER A 375 8.95 -20.38 -19.24
CA SER A 375 8.82 -20.03 -17.80
C SER A 375 9.25 -21.16 -16.83
N VAL A 376 9.11 -20.98 -15.50
CA VAL A 376 9.42 -22.07 -14.51
C VAL A 376 8.94 -21.83 -13.05
N ARG A 377 8.95 -22.91 -12.25
CA ARG A 377 8.55 -22.92 -10.84
C ARG A 377 7.66 -21.49 -10.54
N GLY A 378 7.88 -20.76 -10.12
CA GLY A 378 7.42 -19.56 -9.45
C GLY A 378 7.73 -18.23 -10.15
N GLU A 379 7.85 -18.27 -11.49
CA GLU A 379 8.20 -17.08 -12.26
C GLU A 379 7.09 -16.04 -12.34
N TRP A 380 5.85 -16.51 -12.49
CA TRP A 380 4.70 -15.64 -12.66
C TRP A 380 3.59 -16.06 -11.70
N PRO A 381 3.85 -16.00 -10.38
CA PRO A 381 2.93 -16.51 -9.36
C PRO A 381 1.48 -15.96 -9.39
N TRP A 382 1.21 -14.94 -10.19
CA TRP A 382 -0.15 -14.35 -10.28
C TRP A 382 -1.00 -14.88 -11.43
N GLN A 383 -0.32 -15.29 -12.51
CA GLN A 383 -0.92 -15.88 -13.71
C GLN A 383 -1.62 -17.19 -13.38
N VAL A 384 -2.88 -17.29 -13.82
CA VAL A 384 -3.70 -18.51 -13.63
C VAL A 384 -4.27 -18.95 -14.97
N THR A 385 -4.57 -20.25 -15.03
CA THR A 385 -5.24 -20.87 -16.17
C THR A 385 -6.71 -21.17 -15.81
N LEU A 386 -7.61 -20.86 -16.74
CA LEU A 386 -9.05 -20.91 -16.47
C LEU A 386 -9.72 -22.00 -17.27
N HIS A 387 -10.18 -23.02 -16.58
CA HIS A 387 -10.69 -24.17 -17.24
C HIS A 387 -12.19 -24.21 -17.28
N THR A 388 -12.67 -24.73 -18.40
CA THR A 388 -14.08 -24.97 -18.55
C THR A 388 -14.35 -26.47 -18.61
N THR A 389 -15.46 -26.91 -18.02
CA THR A 389 -15.75 -28.35 -17.98
C THR A 389 -16.61 -28.81 -19.17
N SER A 390 -17.20 -27.84 -19.88
CA SER A 390 -17.96 -28.06 -21.11
C SER A 390 -17.20 -27.57 -22.37
N PRO A 391 -17.24 -28.32 -23.49
CA PRO A 391 -17.96 -29.59 -23.61
C PRO A 391 -17.23 -30.71 -22.89
N THR A 392 -15.90 -30.63 -22.93
CA THR A 392 -15.03 -31.36 -22.01
C THR A 392 -14.06 -30.33 -21.40
N GLN A 393 -13.24 -30.77 -20.44
CA GLN A 393 -12.29 -29.86 -19.77
C GLN A 393 -11.13 -29.38 -20.61
N ARG A 394 -11.11 -28.06 -20.79
CA ARG A 394 -10.10 -27.37 -21.55
C ARG A 394 -9.76 -26.01 -20.92
N HIS A 395 -8.54 -25.55 -21.17
CA HIS A 395 -8.19 -24.16 -20.98
C HIS A 395 -9.16 -23.23 -21.77
N LEU A 396 -9.62 -22.18 -21.09
CA LEU A 396 -10.47 -21.16 -21.67
C LEU A 396 -9.79 -19.77 -21.66
N CYS A 397 -9.37 -19.29 -20.49
CA CYS A 397 -8.72 -17.99 -20.35
C CYS A 397 -7.47 -17.98 -19.49
N GLY A 398 -6.69 -16.90 -19.61
CA GLY A 398 -5.66 -16.55 -18.64
C GLY A 398 -6.29 -15.59 -17.64
N GLY A 399 -5.80 -15.58 -16.41
CA GLY A 399 -6.28 -14.61 -15.44
C GLY A 399 -5.14 -14.22 -14.55
N SER A 400 -5.31 -13.16 -13.77
CA SER A 400 -4.29 -12.83 -12.79
C SER A 400 -4.87 -12.78 -11.40
N ILE A 401 -4.14 -13.39 -10.45
CA ILE A 401 -4.48 -13.32 -9.01
C ILE A 401 -4.27 -11.89 -8.53
N ILE A 402 -5.30 -11.27 -7.99
CA ILE A 402 -5.11 -9.89 -7.51
C ILE A 402 -5.55 -9.73 -6.08
N GLY A 403 -6.02 -10.83 -5.50
CA GLY A 403 -6.60 -10.85 -4.16
C GLY A 403 -6.47 -12.24 -3.57
N ASN A 404 -6.84 -12.39 -2.30
CA ASN A 404 -6.88 -13.69 -1.69
C ASN A 404 -7.90 -14.57 -2.38
N GLN A 405 -8.98 -13.91 -2.82
CA GLN A 405 -10.22 -14.52 -3.19
C GLN A 405 -10.66 -14.14 -4.63
N TRP A 406 -9.79 -13.41 -5.34
CA TRP A 406 -10.15 -12.74 -6.59
C TRP A 406 -9.25 -12.94 -7.79
N ILE A 407 -9.87 -13.08 -8.97
CA ILE A 407 -9.16 -13.07 -10.26
C ILE A 407 -9.68 -11.95 -11.12
N LEU A 408 -8.77 -11.22 -11.75
CA LEU A 408 -9.14 -10.25 -12.77
C LEU A 408 -8.87 -10.84 -14.16
N THR A 409 -9.86 -10.65 -15.02
CA THR A 409 -9.83 -11.22 -16.36
C THR A 409 -10.80 -10.53 -17.31
N ALA A 410 -10.80 -10.94 -18.59
CA ALA A 410 -11.68 -10.37 -19.64
C ALA A 410 -13.12 -10.87 -19.50
N ALA A 411 -14.09 -9.99 -19.78
CA ALA A 411 -15.51 -10.36 -19.79
C ALA A 411 -15.84 -11.26 -20.99
N HIS A 412 -15.20 -10.99 -22.13
CA HIS A 412 -15.50 -11.73 -23.35
C HIS A 412 -15.16 -13.17 -23.22
N CYS A 413 -14.45 -13.50 -22.16
CA CYS A 413 -14.09 -14.87 -21.80
C CYS A 413 -15.33 -15.73 -21.46
N PHE A 414 -16.39 -15.07 -21.00
CA PHE A 414 -17.51 -15.77 -20.36
C PHE A 414 -18.78 -15.77 -21.22
N TYR A 415 -18.55 -15.89 -22.52
CA TYR A 415 -19.60 -15.86 -23.49
C TYR A 415 -20.38 -17.15 -23.46
N GLY A 416 -21.68 -17.02 -23.22
CA GLY A 416 -22.57 -18.17 -23.01
C GLY A 416 -22.03 -19.18 -22.00
N VAL A 417 -21.34 -18.70 -20.97
CA VAL A 417 -21.17 -19.50 -19.77
C VAL A 417 -22.48 -19.27 -19.01
N GLU A 418 -23.18 -20.33 -18.65
CA GLU A 418 -24.47 -20.13 -17.97
C GLU A 418 -24.34 -20.02 -16.44
N SER A 419 -23.45 -20.82 -15.84
CA SER A 419 -23.32 -20.93 -14.37
C SER A 419 -21.84 -20.83 -14.02
N PRO A 420 -21.50 -20.22 -12.85
CA PRO A 420 -20.11 -20.19 -12.38
C PRO A 420 -19.60 -21.59 -12.12
N LYS A 421 -20.53 -22.53 -11.94
CA LYS A 421 -20.19 -23.92 -11.57
C LYS A 421 -19.55 -24.75 -12.69
N ILE A 422 -19.29 -24.14 -13.85
CA ILE A 422 -18.63 -24.83 -14.95
C ILE A 422 -17.13 -24.53 -14.94
N LEU A 423 -16.75 -23.60 -14.06
CA LEU A 423 -15.40 -23.04 -14.03
C LEU A 423 -14.42 -23.73 -13.06
N ARG A 424 -13.15 -23.71 -13.45
CA ARG A 424 -12.04 -24.22 -12.63
C ARG A 424 -10.76 -23.39 -12.80
N VAL A 425 -10.36 -22.71 -11.73
CA VAL A 425 -9.11 -21.94 -11.70
C VAL A 425 -7.96 -22.77 -11.12
N TYR A 426 -6.85 -22.80 -11.86
CA TYR A 426 -5.65 -23.48 -11.39
C TYR A 426 -4.52 -22.46 -11.27
N SER A 427 -3.77 -22.56 -10.16
CA SER A 427 -2.62 -21.68 -9.87
C SER A 427 -1.28 -22.41 -9.96
N GLY A 428 -0.21 -21.63 -10.09
CA GLY A 428 1.16 -22.15 -10.23
C GLY A 428 1.31 -23.28 -11.23
N ILE A 429 0.81 -23.05 -12.45
CA ILE A 429 0.84 -24.08 -13.48
C ILE A 429 1.75 -23.66 -14.61
N LEU A 430 2.52 -24.63 -15.12
CA LEU A 430 3.47 -24.41 -16.17
C LEU A 430 3.10 -25.22 -17.44
N ASN A 431 3.26 -26.54 -17.36
CA ASN A 431 2.78 -27.43 -18.40
C ASN A 431 1.32 -27.68 -18.11
N GLN A 432 0.48 -27.59 -19.15
CA GLN A 432 -0.94 -27.96 -19.07
C GLN A 432 -1.05 -29.47 -18.81
N SER A 433 -0.11 -30.21 -19.42
CA SER A 433 0.30 -31.60 -19.09
C SER A 433 0.22 -31.96 -17.59
N GLU A 434 0.65 -31.02 -16.75
CA GLU A 434 0.65 -31.11 -15.28
C GLU A 434 -0.75 -31.19 -14.65
N ILE A 435 -1.79 -30.88 -15.43
CA ILE A 435 -3.17 -30.97 -14.91
C ILE A 435 -3.79 -32.34 -15.18
N LYS A 436 -4.22 -32.98 -14.09
CA LYS A 436 -4.86 -34.31 -14.07
C LYS A 436 -6.02 -34.21 -13.06
N GLU A 437 -6.92 -35.21 -13.03
CA GLU A 437 -8.16 -35.18 -12.20
C GLU A 437 -7.87 -34.98 -10.72
N ASP A 438 -6.78 -35.58 -10.26
CA ASP A 438 -6.30 -35.44 -8.89
C ASP A 438 -5.90 -33.99 -8.56
N THR A 439 -5.25 -33.31 -9.52
CA THR A 439 -4.89 -31.88 -9.42
C THR A 439 -5.97 -31.04 -8.73
N SER A 440 -5.61 -30.35 -7.67
CA SER A 440 -6.57 -29.49 -6.99
C SER A 440 -6.81 -28.21 -7.79
N PHE A 441 -7.98 -27.59 -7.61
CA PHE A 441 -8.33 -26.30 -8.26
C PHE A 441 -9.20 -25.42 -7.34
N PHE A 442 -9.36 -24.14 -7.70
CA PHE A 442 -10.29 -23.23 -7.00
C PHE A 442 -11.61 -23.12 -7.76
N GLY A 443 -12.73 -23.29 -7.05
CA GLY A 443 -14.04 -23.13 -7.65
C GLY A 443 -14.52 -21.69 -7.56
N VAL A 444 -14.93 -21.12 -8.70
CA VAL A 444 -15.52 -19.76 -8.76
C VAL A 444 -16.92 -19.67 -8.12
N GLN A 445 -17.03 -18.89 -7.05
CA GLN A 445 -18.33 -18.60 -6.47
C GLN A 445 -19.14 -17.71 -7.40
N GLU A 446 -18.51 -16.74 -8.04
CA GLU A 446 -19.28 -15.67 -8.70
C GLU A 446 -18.54 -14.97 -9.85
N ILE A 447 -19.30 -14.58 -10.88
CA ILE A 447 -18.75 -13.82 -12.00
C ILE A 447 -19.29 -12.40 -11.99
N ILE A 448 -18.40 -11.44 -11.83
CA ILE A 448 -18.79 -10.06 -11.97
C ILE A 448 -18.30 -9.46 -13.27
N ILE A 449 -19.21 -9.42 -14.25
CA ILE A 449 -18.97 -8.74 -15.49
C ILE A 449 -19.34 -7.30 -15.27
N HIS A 450 -18.58 -6.43 -15.92
CA HIS A 450 -18.89 -5.01 -15.99
C HIS A 450 -20.25 -4.84 -16.69
N ASP A 451 -21.18 -4.14 -16.03
CA ASP A 451 -22.32 -3.54 -16.72
C ASP A 451 -21.74 -2.55 -17.75
N GLN A 452 -22.42 -2.38 -18.88
CA GLN A 452 -21.92 -1.60 -20.03
C GLN A 452 -21.04 -2.41 -21.00
N TYR A 453 -20.67 -3.64 -20.59
CA TYR A 453 -20.01 -4.54 -21.51
C TYR A 453 -21.00 -5.08 -22.53
N LYS A 454 -20.66 -4.96 -23.81
CA LYS A 454 -21.42 -5.61 -24.89
C LYS A 454 -20.48 -6.40 -25.76
N MET A 455 -19.49 -5.73 -26.33
CA MET A 455 -18.56 -6.38 -27.22
C MET A 455 -17.13 -6.03 -26.80
N ALA A 456 -16.21 -6.96 -27.00
CA ALA A 456 -14.77 -6.76 -26.65
C ALA A 456 -14.16 -5.50 -27.26
N GLU A 457 -14.59 -5.19 -28.49
CA GLU A 457 -14.10 -4.04 -29.25
C GLU A 457 -14.84 -2.78 -28.85
N SER A 458 -16.01 -2.91 -28.21
CA SER A 458 -16.64 -1.77 -27.54
C SER A 458 -15.87 -1.35 -26.28
N GLY A 459 -15.04 -2.24 -25.74
CA GLY A 459 -14.01 -1.88 -24.77
C GLY A 459 -14.17 -2.04 -23.26
N TYR A 460 -15.42 -2.00 -22.76
CA TYR A 460 -15.67 -2.05 -21.31
C TYR A 460 -15.55 -3.48 -20.76
N ASP A 461 -14.44 -4.12 -21.13
CA ASP A 461 -14.20 -5.57 -21.14
C ASP A 461 -13.35 -6.09 -19.97
N ILE A 462 -14.03 -6.32 -18.83
CA ILE A 462 -13.35 -6.67 -17.61
C ILE A 462 -14.21 -7.53 -16.68
N ALA A 463 -13.64 -8.62 -16.20
CA ALA A 463 -14.35 -9.53 -15.30
C ALA A 463 -13.59 -9.85 -14.01
N LEU A 464 -14.37 -10.11 -12.96
CA LEU A 464 -13.87 -10.63 -11.69
C LEU A 464 -14.42 -12.00 -11.33
N LEU A 465 -13.55 -12.86 -10.84
CA LEU A 465 -13.97 -14.11 -10.29
C LEU A 465 -13.76 -14.00 -8.79
N LYS A 466 -14.84 -14.20 -8.03
CA LYS A 466 -14.79 -14.39 -6.58
C LYS A 466 -14.62 -15.88 -6.46
N LEU A 467 -13.50 -16.33 -5.91
CA LEU A 467 -13.28 -17.74 -5.69
C LEU A 467 -14.01 -18.16 -4.43
N GLU A 468 -14.57 -19.37 -4.43
CA GLU A 468 -15.35 -19.84 -3.27
C GLU A 468 -14.47 -20.29 -2.07
N THR A 469 -13.16 -20.42 -2.28
CA THR A 469 -12.20 -20.67 -1.20
C THR A 469 -10.91 -19.84 -1.44
N THR A 470 -10.31 -19.30 -0.37
CA THR A 470 -9.18 -18.34 -0.49
C THR A 470 -7.84 -19.03 -0.82
N VAL A 471 -6.82 -18.26 -1.21
CA VAL A 471 -5.52 -18.80 -1.69
C VAL A 471 -4.44 -18.79 -0.59
N ASN A 472 -3.90 -19.97 -0.26
CA ASN A 472 -2.73 -20.03 0.62
C ASN A 472 -1.56 -19.48 -0.22
N TYR A 473 -1.13 -18.23 0.05
CA TYR A 473 -0.07 -17.59 -0.75
C TYR A 473 1.25 -18.34 -0.66
N THR A 474 1.82 -18.64 -1.82
CA THR A 474 3.13 -19.28 -1.88
C THR A 474 4.02 -18.68 -2.98
N ASP A 475 5.20 -19.27 -3.13
CA ASP A 475 6.19 -18.88 -4.12
C ASP A 475 5.64 -19.18 -5.49
N SER A 476 4.68 -20.09 -5.52
CA SER A 476 3.96 -20.40 -6.74
C SER A 476 2.62 -19.66 -6.92
N GLN A 477 2.14 -19.01 -5.84
CA GLN A 477 0.80 -18.40 -5.82
C GLN A 477 0.76 -17.09 -5.02
N ARG A 478 1.14 -15.98 -5.66
CA ARG A 478 1.21 -14.65 -5.01
C ARG A 478 0.43 -13.65 -5.92
N PRO A 479 -0.15 -12.54 -5.38
CA PRO A 479 -0.82 -11.60 -6.31
C PRO A 479 0.14 -10.67 -7.08
N ILE A 480 -0.39 -10.07 -8.14
CA ILE A 480 0.21 -8.92 -8.83
C ILE A 480 -0.47 -7.64 -8.26
N CYS A 481 0.08 -6.46 -8.50
CA CYS A 481 -0.51 -5.19 -8.01
C CYS A 481 -1.23 -4.43 -9.10
N LEU A 482 -2.33 -3.80 -8.71
CA LEU A 482 -3.03 -2.91 -9.61
C LEU A 482 -2.24 -1.62 -9.74
N PRO A 483 -2.17 -1.07 -10.95
CA PRO A 483 -1.61 0.26 -11.13
C PRO A 483 -2.30 1.27 -10.22
N SER A 484 -1.56 2.29 -9.78
CA SER A 484 -2.11 3.35 -8.96
C SER A 484 -2.63 4.47 -9.81
N LYS A 485 -3.78 5.01 -9.45
CA LYS A 485 -4.33 6.24 -10.04
C LYS A 485 -3.39 7.44 -10.05
N GLY A 486 -2.54 7.56 -9.04
CA GLY A 486 -1.48 8.58 -9.05
C GLY A 486 -0.48 8.44 -10.18
N ASP A 487 -0.21 7.18 -10.54
CA ASP A 487 0.73 6.79 -11.60
C ASP A 487 0.21 6.85 -13.05
N ARG A 488 -0.86 7.59 -13.28
CA ARG A 488 -1.39 7.80 -14.64
C ARG A 488 -0.32 8.27 -15.65
N ASN A 489 0.55 9.21 -15.28
CA ASN A 489 1.63 9.67 -16.17
C ASN A 489 2.84 8.73 -16.34
N VAL A 490 2.78 7.52 -15.77
CA VAL A 490 3.95 6.61 -15.78
C VAL A 490 4.24 6.06 -17.17
N ILE A 491 5.52 5.93 -17.46
CA ILE A 491 5.99 5.44 -18.74
C ILE A 491 6.64 4.04 -18.52
N TYR A 492 5.83 2.98 -18.59
CA TYR A 492 6.36 1.63 -18.35
C TYR A 492 7.18 1.28 -19.54
N THR A 493 8.35 0.70 -19.29
CA THR A 493 9.30 0.33 -20.35
C THR A 493 9.78 -1.12 -20.24
N ASP A 494 9.16 -1.87 -19.33
CA ASP A 494 9.49 -3.26 -19.06
C ASP A 494 8.17 -4.04 -18.88
N CYS A 495 7.45 -4.16 -20.00
CA CYS A 495 6.14 -4.80 -20.06
C CYS A 495 6.17 -6.19 -20.72
N TRP A 496 5.34 -7.08 -20.19
CA TRP A 496 5.42 -8.53 -20.45
C TRP A 496 4.04 -9.19 -20.51
N VAL A 497 3.77 -9.85 -21.64
CA VAL A 497 2.60 -10.73 -21.82
C VAL A 497 2.95 -12.21 -21.57
N THR A 498 2.09 -12.83 -20.78
CA THR A 498 2.23 -14.24 -20.44
C THR A 498 0.98 -14.96 -20.84
N GLY A 499 1.16 -16.26 -21.08
CA GLY A 499 0.08 -17.19 -21.27
C GLY A 499 0.42 -18.48 -21.97
N TRP A 500 -0.63 -19.14 -22.43
CA TRP A 500 -0.56 -20.25 -23.36
C TRP A 500 -1.08 -19.68 -24.73
N GLY A 501 -1.56 -20.52 -25.63
CA GLY A 501 -1.90 -20.05 -26.99
C GLY A 501 -3.13 -19.17 -27.20
N TYR A 502 -4.19 -19.42 -26.41
CA TYR A 502 -5.55 -18.92 -26.68
C TYR A 502 -5.70 -17.38 -26.76
N ASP A 507 -8.96 -22.32 -32.61
CA ASP A 507 -7.76 -21.74 -31.99
C ASP A 507 -6.72 -22.84 -31.64
N LYS A 508 -5.54 -22.44 -31.13
CA LYS A 508 -4.45 -23.40 -30.83
C LYS A 508 -3.74 -23.15 -29.49
N ILE A 509 -3.61 -24.18 -28.63
CA ILE A 509 -3.00 -24.01 -27.27
C ILE A 509 -1.64 -24.72 -27.00
N GLN A 510 -0.67 -23.94 -26.50
CA GLN A 510 0.67 -24.43 -26.14
C GLN A 510 0.66 -25.14 -24.77
N ASN A 511 1.52 -26.14 -24.58
CA ASN A 511 1.59 -26.92 -23.33
C ASN A 511 2.27 -26.16 -22.19
N THR A 512 3.50 -25.73 -22.45
CA THR A 512 4.25 -24.94 -21.48
C THR A 512 3.81 -23.48 -21.54
N LEU A 513 3.77 -22.86 -20.36
CA LEU A 513 3.54 -21.41 -20.20
C LEU A 513 4.57 -20.57 -20.97
N GLN A 514 4.07 -19.90 -22.01
CA GLN A 514 4.83 -18.98 -22.87
C GLN A 514 5.05 -17.62 -22.21
N LYS A 515 6.30 -17.14 -22.23
CA LYS A 515 6.63 -15.80 -21.73
C LYS A 515 7.35 -14.97 -22.80
N ALA A 516 6.97 -13.71 -22.92
CA ALA A 516 7.42 -12.83 -23.99
C ALA A 516 7.28 -11.35 -23.58
N LYS A 517 8.40 -10.62 -23.57
CA LYS A 517 8.44 -9.17 -23.26
C LYS A 517 8.02 -8.32 -24.46
N ILE A 518 7.10 -7.40 -24.25
CA ILE A 518 6.48 -6.66 -25.33
C ILE A 518 6.51 -5.15 -25.03
N PRO A 519 6.67 -4.31 -26.07
CA PRO A 519 6.58 -2.86 -25.85
C PRO A 519 5.16 -2.33 -25.96
N LEU A 520 4.82 -1.44 -25.03
CA LEU A 520 3.61 -0.61 -25.09
C LEU A 520 3.62 0.25 -26.36
N VAL A 521 2.47 0.74 -26.79
CA VAL A 521 2.34 1.47 -28.05
C VAL A 521 1.28 2.51 -27.75
N THR A 522 1.51 3.77 -28.12
CA THR A 522 0.59 4.81 -27.72
C THR A 522 -0.80 4.71 -28.37
N ASN A 523 -1.81 5.20 -27.64
CA ASN A 523 -3.20 5.16 -28.07
C ASN A 523 -3.41 5.84 -29.41
N GLU A 524 -2.99 7.10 -29.50
CA GLU A 524 -2.78 7.81 -30.77
C GLU A 524 -2.16 6.91 -31.85
N GLU A 525 -1.02 6.30 -31.54
CA GLU A 525 -0.27 5.49 -32.49
C GLU A 525 -1.04 4.25 -32.92
N CYS A 526 -1.78 3.66 -31.98
CA CYS A 526 -2.53 2.44 -32.22
C CYS A 526 -3.77 2.73 -33.09
N GLN A 527 -4.53 3.73 -32.67
CA GLN A 527 -5.66 4.29 -33.38
C GLN A 527 -5.48 4.40 -34.90
N LYS A 528 -4.27 4.77 -35.31
CA LYS A 528 -3.89 4.86 -36.72
C LYS A 528 -3.92 3.49 -37.39
N ARG A 529 -3.24 2.52 -36.78
CA ARG A 529 -3.21 1.16 -37.30
C ARG A 529 -4.62 0.50 -37.31
N TYR A 530 -5.56 1.02 -36.51
CA TYR A 530 -6.90 0.42 -36.36
C TYR A 530 -8.03 1.26 -36.98
N ARG A 531 -8.32 0.93 -38.24
CA ARG A 531 -9.22 1.67 -39.12
C ARG A 531 -10.66 1.82 -38.59
N GLY A 532 -11.41 0.71 -38.60
CA GLY A 532 -12.86 0.69 -38.33
C GLY A 532 -13.31 0.92 -36.90
N HIS A 533 -12.47 0.55 -35.94
CA HIS A 533 -12.84 0.59 -34.54
C HIS A 533 -12.18 1.73 -33.77
N LYS A 534 -12.97 2.34 -32.88
CA LYS A 534 -12.55 3.35 -31.90
C LYS A 534 -11.68 2.75 -30.80
N ILE A 535 -10.54 3.39 -30.53
CA ILE A 535 -9.69 3.03 -29.39
C ILE A 535 -9.81 4.10 -28.30
N THR A 536 -10.63 3.84 -27.26
CA THR A 536 -10.79 4.77 -26.13
C THR A 536 -9.63 4.80 -25.13
N HIS A 537 -9.59 5.87 -24.33
CA HIS A 537 -8.70 6.02 -23.18
C HIS A 537 -8.82 4.86 -22.16
N LYS A 538 -9.98 4.18 -22.17
CA LYS A 538 -10.22 2.97 -21.38
C LYS A 538 -9.60 1.70 -22.01
N MET A 539 -8.74 1.90 -23.00
CA MET A 539 -7.90 0.85 -23.57
C MET A 539 -6.44 1.28 -23.67
N ILE A 540 -5.56 0.30 -23.70
CA ILE A 540 -4.16 0.56 -23.95
C ILE A 540 -3.67 -0.52 -24.93
N CYS A 541 -2.60 -0.21 -25.67
CA CYS A 541 -2.11 -1.05 -26.79
C CYS A 541 -0.69 -1.56 -26.63
N ALA A 542 -0.29 -2.55 -27.43
CA ALA A 542 1.11 -3.09 -27.39
C ALA A 542 1.47 -4.08 -28.50
N GLY A 543 2.77 -4.17 -28.86
CA GLY A 543 3.24 -5.17 -29.85
C GLY A 543 4.61 -5.09 -30.51
N TYR A 544 4.83 -6.06 -31.41
CA TYR A 544 6.07 -6.33 -32.20
C TYR A 544 7.21 -7.01 -31.42
N LYS A 553 1.27 -13.59 -27.93
CA LYS A 553 1.69 -14.94 -27.52
C LYS A 553 1.01 -15.43 -26.19
N GLY A 554 -0.07 -14.75 -25.80
CA GLY A 554 -0.89 -15.10 -24.63
C GLY A 554 -2.39 -15.15 -24.91
N ASP A 555 -3.17 -15.53 -23.88
CA ASP A 555 -4.60 -15.83 -24.00
C ASP A 555 -5.53 -14.64 -23.84
N SER A 556 -6.81 -14.91 -24.04
CA SER A 556 -7.87 -14.01 -23.63
C SER A 556 -7.83 -13.89 -22.11
N GLY A 557 -7.98 -12.67 -21.61
CA GLY A 557 -7.99 -12.39 -20.17
C GLY A 557 -6.63 -12.37 -19.50
N GLY A 558 -5.61 -12.76 -20.27
CA GLY A 558 -4.22 -12.80 -19.83
C GLY A 558 -3.67 -11.43 -19.45
N PRO A 559 -2.68 -11.42 -18.56
CA PRO A 559 -2.17 -10.19 -18.02
C PRO A 559 -1.17 -9.51 -18.92
N LEU A 560 -1.25 -8.18 -18.95
CA LEU A 560 -0.15 -7.32 -19.33
C LEU A 560 0.62 -6.77 -18.09
N SER A 561 1.72 -7.45 -17.77
CA SER A 561 2.47 -7.18 -16.55
C SER A 561 3.67 -6.29 -16.83
N CYS A 562 3.72 -5.13 -16.18
CA CYS A 562 4.90 -4.26 -16.21
C CYS A 562 5.69 -4.19 -14.88
N LYS A 563 7.01 -4.37 -14.96
CA LYS A 563 7.93 -4.18 -13.82
C LYS A 563 8.38 -2.73 -13.78
N HIS A 564 8.22 -2.14 -12.61
CA HIS A 564 8.56 -0.75 -12.37
C HIS A 564 9.06 -0.71 -10.95
N ASN A 565 10.33 -0.29 -10.79
CA ASN A 565 11.00 -0.21 -9.49
C ASN A 565 10.94 -1.53 -8.75
N GLU A 566 11.38 -2.59 -9.44
CA GLU A 566 11.32 -3.99 -8.95
C GLU A 566 9.98 -4.44 -8.34
N VAL A 567 8.90 -3.89 -8.88
CA VAL A 567 7.55 -4.23 -8.44
C VAL A 567 6.75 -4.38 -9.72
N TRP A 568 5.92 -5.42 -9.76
CA TRP A 568 5.13 -5.80 -10.91
C TRP A 568 3.71 -5.26 -10.87
N HIS A 569 3.28 -4.63 -11.94
CA HIS A 569 1.93 -4.08 -12.06
C HIS A 569 1.10 -4.74 -13.15
N LEU A 570 -0.20 -4.87 -12.90
CA LEU A 570 -1.13 -5.36 -13.90
C LEU A 570 -1.68 -4.19 -14.69
N VAL A 571 -1.06 -3.92 -15.83
CA VAL A 571 -1.32 -2.69 -16.54
C VAL A 571 -2.49 -2.90 -17.50
N GLY A 572 -2.53 -4.08 -18.12
CA GLY A 572 -3.57 -4.40 -19.09
C GLY A 572 -4.04 -5.83 -19.01
N ILE A 573 -5.25 -6.08 -19.52
CA ILE A 573 -5.85 -7.43 -19.69
C ILE A 573 -6.08 -7.61 -21.18
N THR A 574 -5.75 -8.78 -21.72
CA THR A 574 -5.94 -9.05 -23.17
C THR A 574 -7.40 -8.95 -23.65
N SER A 575 -7.58 -8.26 -24.77
CA SER A 575 -8.86 -7.94 -25.38
C SER A 575 -8.56 -7.85 -26.89
N TRP A 576 -9.13 -8.74 -27.71
CA TRP A 576 -8.88 -8.79 -29.19
C TRP A 576 -7.41 -8.81 -29.69
N GLY A 577 -7.12 -8.08 -30.77
CA GLY A 577 -5.76 -7.99 -31.29
C GLY A 577 -5.58 -8.62 -32.65
N GLU A 578 -4.79 -8.70 -33.53
CA GLU A 578 -4.71 -9.26 -34.89
C GLU A 578 -3.28 -9.71 -35.12
N GLY A 579 -3.47 -9.79 -34.88
CA GLY A 579 -2.91 -11.03 -35.42
C GLY A 579 -1.48 -11.26 -34.97
N CYS A 580 -1.32 -12.23 -34.05
CA CYS A 580 -0.06 -12.55 -33.31
C CYS A 580 1.23 -11.83 -33.76
N GLU A 584 2.00 -7.75 -38.85
CA GLU A 584 2.08 -7.37 -37.45
C GLU A 584 1.28 -6.11 -37.12
N ARG A 585 0.24 -6.29 -36.29
CA ARG A 585 -0.53 -5.20 -35.65
C ARG A 585 -0.55 -5.40 -34.12
N PRO A 586 -0.49 -4.28 -33.36
CA PRO A 586 -0.59 -4.30 -31.89
C PRO A 586 -1.90 -4.82 -31.30
N GLY A 587 -1.81 -5.59 -30.22
CA GLY A 587 -2.98 -6.04 -29.47
C GLY A 587 -3.60 -4.93 -28.65
N VAL A 588 -4.93 -4.90 -28.57
CA VAL A 588 -5.64 -3.97 -27.67
C VAL A 588 -5.86 -4.60 -26.29
N TYR A 589 -5.97 -3.78 -25.26
CA TYR A 589 -5.98 -4.26 -23.89
C TYR A 589 -6.95 -3.45 -23.07
N THR A 590 -7.44 -4.03 -21.98
CA THR A 590 -8.25 -3.22 -21.08
C THR A 590 -7.30 -2.40 -20.22
N ASN A 591 -7.56 -1.11 -20.16
CA ASN A 591 -6.75 -0.18 -19.37
C ASN A 591 -7.03 -0.23 -17.84
N VAL A 592 -6.34 -1.13 -17.14
CA VAL A 592 -6.68 -1.45 -15.75
C VAL A 592 -6.78 -0.24 -14.81
N VAL A 593 -5.80 0.67 -14.87
CA VAL A 593 -5.86 1.95 -14.14
C VAL A 593 -7.24 2.63 -14.19
N GLU A 594 -7.81 2.77 -15.40
CA GLU A 594 -9.13 3.43 -15.62
C GLU A 594 -10.33 2.69 -15.01
N TYR A 595 -10.08 1.51 -14.46
CA TYR A 595 -11.11 0.69 -13.84
C TYR A 595 -10.80 0.43 -12.35
N VAL A 596 -10.07 1.35 -11.71
CA VAL A 596 -9.63 1.08 -10.31
C VAL A 596 -10.73 1.34 -9.28
N ASP A 597 -11.44 2.46 -9.41
CA ASP A 597 -12.61 2.72 -8.57
C ASP A 597 -13.51 1.49 -8.64
N TRP A 598 -13.82 1.09 -9.87
CA TRP A 598 -14.64 -0.08 -10.15
C TRP A 598 -14.20 -1.38 -9.42
N ILE A 599 -12.94 -1.76 -9.54
CA ILE A 599 -12.44 -3.00 -8.96
C ILE A 599 -12.57 -2.92 -7.45
N LEU A 600 -12.32 -1.72 -6.91
CA LEU A 600 -12.31 -1.49 -5.47
C LEU A 600 -13.71 -1.48 -4.90
N GLU A 601 -14.59 -0.74 -5.57
CA GLU A 601 -16.04 -0.90 -5.41
C GLU A 601 -16.41 -2.40 -5.26
N LYS A 602 -16.21 -3.21 -6.30
CA LYS A 602 -16.77 -4.56 -6.32
C LYS A 602 -16.08 -5.56 -5.41
N THR A 603 -15.08 -5.10 -4.62
CA THR A 603 -14.28 -5.99 -3.75
C THR A 603 -14.13 -5.48 -2.32
N GLN A 604 -14.24 -4.16 -2.14
CA GLN A 604 -14.06 -3.38 -0.88
C GLN A 604 -12.81 -2.49 -0.89
N GLU B 1 -5.64 30.16 8.03
CA GLU B 1 -6.78 29.51 8.75
C GLU B 1 -8.17 30.08 8.35
N PHE B 2 -9.18 29.22 8.37
CA PHE B 2 -10.62 29.60 8.38
C PHE B 2 -11.17 29.41 9.78
N PRO B 3 -12.11 30.28 10.24
CA PRO B 3 -12.84 29.93 11.47
C PRO B 3 -13.63 28.62 11.27
N ASP B 4 -13.75 27.80 12.31
CA ASP B 4 -14.53 26.57 12.16
C ASP B 4 -15.93 26.74 12.69
N PHE B 5 -16.72 25.66 12.65
CA PHE B 5 -18.15 25.67 12.88
C PHE B 5 -18.57 26.12 14.30
N PRO B 6 -19.71 26.88 14.40
CA PRO B 6 -20.32 27.22 15.69
C PRO B 6 -21.09 26.05 16.28
#